data_4YO9
#
_entry.id   4YO9
#
_cell.length_a   80.321
_cell.length_b   80.321
_cell.length_c   179.538
_cell.angle_alpha   90.00
_cell.angle_beta   90.00
_cell.angle_gamma   120.00
#
_symmetry.space_group_name_H-M   'P 31 2 1'
#
loop_
_entity.id
_entity.type
_entity.pdbx_description
1 polymer '3C-like proteinase'
2 non-polymer 'ZINC ION'
3 non-polymer 'ACETATE ION'
4 non-polymer 'ISOPROPYL ALCOHOL'
5 non-polymer 'SUCCINIC ACID'
6 non-polymer (4S)-2-METHYL-2,4-PENTANEDIOL
7 non-polymer 'FORMIC ACID'
8 water water
#
_entity_poly.entity_id   1
_entity_poly.type   'polypeptide(L)'
_entity_poly.pdbx_seq_one_letter_code
;SGLVKMSAPSGAVENCIVQVTCGSMTLNGLWLDNTVWCPRHIMCPADQLTDPNYDALLISKTNHSFIVQKHIGAQANLRV
VAHSMVGVLLKLTVDVANPSTPAYTFSTVKPGASFSVLACYNGKPTGVFTVNLRHNSTIKGSFLCGSCGSVGYTENGGVI
NFVYMHQMELSNGTHTGSSFDGVMYGAFEDKQTHQLQLTDKYCTINVVAWLYAAVLNGCKWFVKPTRVGIVTYNEWALSN
QFTEFVGTQSIDMLAHRTGVSVEQMLAAIQSLHAGFQGKTILGQSTLEDEFTPDDVNMQVMGVVMQ
;
_entity_poly.pdbx_strand_id   A,B
#
# COMPACT_ATOMS: atom_id res chain seq x y z
N SER A 1 -13.15 3.85 10.01
CA SER A 1 -13.35 4.53 8.75
C SER A 1 -12.04 4.96 8.06
N GLY A 2 -12.20 5.63 6.92
CA GLY A 2 -11.10 6.06 6.06
C GLY A 2 -11.00 5.17 4.84
N LEU A 3 -10.37 5.66 3.78
CA LEU A 3 -10.18 4.84 2.59
C LEU A 3 -8.77 5.03 2.05
N VAL A 4 -7.97 3.98 2.04
CA VAL A 4 -6.63 4.09 1.48
C VAL A 4 -6.41 2.97 0.52
N LYS A 5 -5.50 3.18 -0.43
CA LYS A 5 -4.99 2.08 -1.24
C LYS A 5 -4.38 1.05 -0.28
N MET A 6 -4.99 -0.13 -0.23
CA MET A 6 -4.60 -1.17 0.69
C MET A 6 -4.14 -2.40 -0.08
N SER A 7 -3.03 -3.03 0.32
CA SER A 7 -2.55 -4.22 -0.37
C SER A 7 -2.78 -5.46 0.50
N ALA A 8 -2.79 -6.63 -0.12
CA ALA A 8 -2.83 -7.87 0.64
C ALA A 8 -1.45 -8.16 1.30
N PRO A 9 -1.44 -8.68 2.53
CA PRO A 9 -0.17 -8.95 3.20
C PRO A 9 0.74 -9.81 2.33
N SER A 10 2.02 -9.44 2.23
CA SER A 10 2.88 -10.09 1.24
C SER A 10 3.59 -11.33 1.77
N GLY A 11 3.46 -11.58 3.08
CA GLY A 11 4.11 -12.73 3.71
C GLY A 11 4.19 -14.01 2.88
N ALA A 12 3.05 -14.46 2.38
CA ALA A 12 3.01 -15.75 1.70
C ALA A 12 3.68 -15.70 0.34
N VAL A 13 3.78 -14.50 -0.22
CA VAL A 13 4.42 -14.35 -1.52
C VAL A 13 5.94 -14.25 -1.34
N GLU A 14 6.38 -13.58 -0.28
CA GLU A 14 7.79 -13.41 0.04
C GLU A 14 8.52 -14.74 0.08
N ASN A 15 7.92 -15.76 0.72
CA ASN A 15 8.54 -17.07 0.82
C ASN A 15 8.68 -17.77 -0.53
N CYS A 16 8.17 -17.15 -1.59
CA CYS A 16 8.23 -17.79 -2.90
C CYS A 16 9.13 -17.06 -3.91
N ILE A 17 9.69 -15.93 -3.51
CA ILE A 17 10.58 -15.20 -4.39
C ILE A 17 11.99 -15.81 -4.40
N VAL A 18 12.49 -16.13 -5.59
CA VAL A 18 13.87 -16.57 -5.77
C VAL A 18 14.58 -15.72 -6.81
N GLN A 19 15.85 -16.02 -7.01
CA GLN A 19 16.66 -15.37 -8.02
C GLN A 19 17.03 -16.37 -9.09
N VAL A 20 16.91 -15.98 -10.35
CA VAL A 20 17.18 -16.89 -11.44
C VAL A 20 18.24 -16.30 -12.35
N THR A 21 19.32 -17.05 -12.54
CA THR A 21 20.49 -16.58 -13.28
C THR A 21 20.73 -17.38 -14.55
N CYS A 22 21.02 -16.68 -15.65
CA CYS A 22 21.33 -17.31 -16.91
C CYS A 22 22.40 -16.49 -17.63
N GLY A 23 23.65 -16.92 -17.50
CA GLY A 23 24.78 -16.19 -18.08
C GLY A 23 25.15 -14.96 -17.28
N SER A 24 25.09 -13.81 -17.94
CA SER A 24 25.34 -12.53 -17.27
C SER A 24 24.07 -12.04 -16.57
N MET A 25 22.92 -12.52 -17.05
CA MET A 25 21.60 -12.08 -16.60
C MET A 25 21.12 -12.71 -15.29
N THR A 26 20.54 -11.88 -14.43
CA THR A 26 19.83 -12.37 -13.24
C THR A 26 18.53 -11.60 -12.95
N LEU A 27 17.43 -12.34 -12.83
CA LEU A 27 16.12 -11.74 -12.55
C LEU A 27 15.44 -12.36 -11.32
N ASN A 28 14.31 -11.79 -10.92
CA ASN A 28 13.48 -12.39 -9.89
C ASN A 28 12.65 -13.53 -10.48
N GLY A 29 12.31 -14.50 -9.65
CA GLY A 29 11.46 -15.59 -10.09
C GLY A 29 10.50 -15.97 -8.98
N LEU A 30 9.58 -16.87 -9.32
CA LEU A 30 8.53 -17.30 -8.42
C LEU A 30 8.59 -18.80 -8.27
N TRP A 31 8.77 -19.26 -7.04
CA TRP A 31 8.97 -20.69 -6.78
C TRP A 31 7.71 -21.27 -6.15
N LEU A 32 7.01 -22.11 -6.91
CA LEU A 32 5.80 -22.76 -6.40
C LEU A 32 5.87 -24.25 -6.64
N ASP A 33 5.65 -25.04 -5.59
CA ASP A 33 5.81 -26.50 -5.66
C ASP A 33 7.17 -26.81 -6.25
N ASN A 34 7.18 -27.46 -7.40
CA ASN A 34 8.42 -27.80 -8.10
C ASN A 34 8.65 -26.94 -9.34
N THR A 35 8.10 -25.74 -9.36
CA THR A 35 8.19 -24.94 -10.56
C THR A 35 8.69 -23.53 -10.25
N VAL A 36 9.52 -23.01 -11.15
CA VAL A 36 10.02 -21.66 -11.02
C VAL A 36 9.72 -20.91 -12.30
N TRP A 37 9.08 -19.76 -12.14
CA TRP A 37 8.62 -18.91 -13.22
C TRP A 37 9.44 -17.64 -13.27
N CYS A 38 9.83 -17.21 -14.47
CA CYS A 38 10.53 -15.95 -14.62
C CYS A 38 10.42 -15.50 -16.07
N PRO A 39 10.66 -14.20 -16.32
CA PRO A 39 10.52 -13.73 -17.71
C PRO A 39 11.59 -14.33 -18.62
N ARG A 40 11.23 -14.52 -19.88
CA ARG A 40 12.07 -15.30 -20.78
C ARG A 40 13.24 -14.49 -21.30
N HIS A 41 13.27 -13.18 -21.09
CA HIS A 41 14.42 -12.43 -21.59
C HIS A 41 15.62 -12.62 -20.66
N ILE A 42 15.45 -13.50 -19.68
CA ILE A 42 16.55 -14.01 -18.87
C ILE A 42 17.62 -14.65 -19.77
N MET A 43 17.18 -15.10 -20.95
CA MET A 43 18.06 -15.80 -21.88
C MET A 43 18.73 -14.82 -22.84
N CYS A 44 18.29 -13.57 -22.79
CA CYS A 44 18.81 -12.55 -23.68
C CYS A 44 19.85 -11.70 -22.96
N PRO A 45 21.04 -11.54 -23.56
CA PRO A 45 22.12 -10.77 -22.93
C PRO A 45 22.06 -9.29 -23.28
N ALA A 46 23.10 -8.55 -22.91
CA ALA A 46 23.20 -7.11 -23.17
C ALA A 46 22.94 -6.77 -24.64
N ASP A 47 23.45 -7.63 -25.51
CA ASP A 47 23.36 -7.45 -26.95
C ASP A 47 21.92 -7.25 -27.46
N GLN A 48 21.17 -8.34 -27.53
CA GLN A 48 19.97 -8.40 -28.36
C GLN A 48 18.67 -8.08 -27.66
N LEU A 49 18.73 -7.38 -26.52
CA LEU A 49 17.50 -7.00 -25.81
C LEU A 49 16.60 -6.12 -26.68
N THR A 50 17.18 -5.54 -27.73
CA THR A 50 16.43 -4.75 -28.71
C THR A 50 15.30 -5.58 -29.33
N ASP A 51 15.63 -6.33 -30.38
CA ASP A 51 14.66 -7.17 -31.06
C ASP A 51 15.21 -8.58 -31.25
N PRO A 52 15.20 -9.39 -30.19
CA PRO A 52 15.76 -10.75 -30.29
C PRO A 52 14.76 -11.74 -30.82
N ASN A 53 15.21 -12.97 -31.09
CA ASN A 53 14.28 -14.06 -31.28
C ASN A 53 14.59 -15.10 -30.21
N TYR A 54 13.54 -15.51 -29.51
CA TYR A 54 13.65 -16.36 -28.33
C TYR A 54 13.68 -17.84 -28.69
N ASP A 55 13.03 -18.20 -29.79
CA ASP A 55 12.96 -19.58 -30.24
C ASP A 55 14.36 -20.18 -30.36
N ALA A 56 15.26 -19.44 -30.98
CA ALA A 56 16.65 -19.86 -31.16
C ALA A 56 17.40 -19.83 -29.84
N LEU A 57 17.16 -18.80 -29.05
CA LEU A 57 17.80 -18.65 -27.76
C LEU A 57 17.45 -19.80 -26.82
N LEU A 58 16.26 -20.36 -26.99
CA LEU A 58 15.79 -21.43 -26.10
C LEU A 58 16.53 -22.75 -26.33
N ILE A 59 16.47 -23.26 -27.56
CA ILE A 59 17.16 -24.51 -27.93
C ILE A 59 18.64 -24.43 -27.62
N SER A 60 19.16 -23.21 -27.65
CA SER A 60 20.53 -22.92 -27.24
C SER A 60 20.83 -23.24 -25.78
N LYS A 61 19.79 -23.48 -25.00
CA LYS A 61 19.97 -23.61 -23.55
C LYS A 61 19.78 -25.03 -23.02
N THR A 62 20.29 -25.25 -21.81
CA THR A 62 20.21 -26.55 -21.14
C THR A 62 19.82 -26.38 -19.68
N ASN A 63 19.23 -27.42 -19.08
CA ASN A 63 18.82 -27.42 -17.67
C ASN A 63 19.90 -26.99 -16.68
N HIS A 64 21.08 -26.70 -17.21
CA HIS A 64 22.25 -26.36 -16.42
C HIS A 64 22.64 -24.91 -16.61
N SER A 65 22.27 -24.37 -17.76
CA SER A 65 22.48 -22.96 -18.05
C SER A 65 21.54 -22.08 -17.23
N PHE A 66 20.80 -22.71 -16.32
CA PHE A 66 19.93 -22.00 -15.38
C PHE A 66 20.28 -22.35 -13.94
N ILE A 67 20.61 -21.35 -13.13
CA ILE A 67 20.77 -21.63 -11.71
C ILE A 67 19.79 -20.80 -10.89
N VAL A 68 19.18 -21.45 -9.91
CA VAL A 68 18.14 -20.82 -9.12
C VAL A 68 18.59 -20.76 -7.67
N GLN A 69 18.54 -19.57 -7.08
CA GLN A 69 18.95 -19.39 -5.70
C GLN A 69 17.87 -18.69 -4.89
N LYS A 70 17.75 -19.07 -3.63
CA LYS A 70 16.87 -18.38 -2.70
C LYS A 70 17.75 -17.66 -1.70
N HIS A 71 17.51 -16.37 -1.53
CA HIS A 71 18.39 -15.52 -0.75
C HIS A 71 17.69 -14.90 0.47
N ILE A 72 16.53 -15.45 0.80
CA ILE A 72 15.77 -15.01 1.97
C ILE A 72 15.22 -16.21 2.73
N GLY A 73 15.09 -16.07 4.05
CA GLY A 73 14.57 -17.14 4.88
C GLY A 73 15.29 -18.46 4.71
N ALA A 74 14.53 -19.53 4.51
CA ALA A 74 15.09 -20.85 4.30
C ALA A 74 15.85 -20.87 2.98
N GLN A 75 17.17 -21.02 3.05
CA GLN A 75 18.00 -20.81 1.87
C GLN A 75 17.95 -21.98 0.88
N ALA A 76 18.67 -21.81 -0.24
CA ALA A 76 18.61 -22.74 -1.36
C ALA A 76 19.72 -22.44 -2.40
N ASN A 77 20.37 -23.40 -3.09
CA ASN A 77 20.04 -24.82 -3.43
C ASN A 77 19.35 -24.79 -4.81
N LEU A 78 18.59 -25.82 -5.15
CA LEU A 78 17.69 -25.90 -6.31
C LEU A 78 18.34 -26.20 -7.66
N ARG A 79 17.94 -27.34 -8.21
CA ARG A 79 18.46 -27.81 -9.48
C ARG A 79 17.40 -27.90 -10.55
N VAL A 80 17.65 -27.16 -11.62
CA VAL A 80 16.76 -27.18 -12.75
C VAL A 80 16.87 -28.51 -13.46
N VAL A 81 15.81 -29.31 -13.37
CA VAL A 81 15.80 -30.63 -13.96
C VAL A 81 14.94 -30.67 -15.22
N ALA A 82 14.43 -29.50 -15.63
CA ALA A 82 13.69 -29.33 -16.89
C ALA A 82 13.41 -27.85 -17.14
N HIS A 83 13.20 -27.49 -18.40
CA HIS A 83 12.90 -26.10 -18.74
C HIS A 83 11.99 -25.99 -19.95
N SER A 84 11.11 -25.01 -19.93
CA SER A 84 10.22 -24.77 -21.06
C SER A 84 9.88 -23.29 -21.17
N MET A 85 9.30 -22.91 -22.30
CA MET A 85 8.94 -21.52 -22.56
C MET A 85 7.44 -21.38 -22.78
N VAL A 86 6.77 -20.71 -21.85
CA VAL A 86 5.33 -20.48 -21.96
C VAL A 86 5.04 -19.01 -22.24
N GLY A 87 4.77 -18.69 -23.50
CA GLY A 87 4.62 -17.31 -23.91
C GLY A 87 5.88 -16.55 -23.59
N VAL A 88 5.75 -15.49 -22.80
CA VAL A 88 6.88 -14.63 -22.47
C VAL A 88 7.53 -15.04 -21.15
N LEU A 89 7.04 -16.12 -20.58
CA LEU A 89 7.63 -16.64 -19.37
C LEU A 89 8.51 -17.81 -19.69
N LEU A 90 9.45 -18.06 -18.80
CA LEU A 90 10.18 -19.29 -18.87
C LEU A 90 9.73 -20.12 -17.68
N LYS A 91 9.42 -21.38 -17.93
CA LYS A 91 8.97 -22.30 -16.89
C LYS A 91 10.05 -23.31 -16.58
N LEU A 92 10.54 -23.29 -15.35
CA LEU A 92 11.56 -24.23 -14.88
C LEU A 92 10.99 -25.25 -13.93
N THR A 93 11.39 -26.50 -14.10
CA THR A 93 11.09 -27.53 -13.11
C THR A 93 12.32 -27.75 -12.23
N VAL A 94 12.14 -27.83 -10.91
CA VAL A 94 13.28 -28.06 -10.03
C VAL A 94 13.11 -29.27 -9.13
N ASP A 95 14.23 -29.72 -8.55
CA ASP A 95 14.28 -30.98 -7.80
C ASP A 95 13.51 -30.91 -6.48
N VAL A 96 13.56 -29.76 -5.82
CA VAL A 96 12.85 -29.61 -4.54
C VAL A 96 11.54 -28.86 -4.73
N ALA A 97 10.51 -29.32 -4.03
CA ALA A 97 9.25 -28.62 -3.96
C ALA A 97 9.31 -27.60 -2.84
N ASN A 98 8.93 -26.35 -3.13
CA ASN A 98 8.94 -25.27 -2.13
C ASN A 98 8.10 -25.64 -0.93
N PRO A 99 8.75 -25.82 0.23
CA PRO A 99 8.02 -26.16 1.44
C PRO A 99 6.98 -25.10 1.83
N SER A 100 7.16 -23.87 1.36
CA SER A 100 6.32 -22.78 1.83
C SER A 100 5.31 -22.32 0.77
N THR A 101 5.02 -23.19 -0.19
CA THR A 101 4.01 -22.93 -1.18
C THR A 101 2.63 -22.72 -0.56
N PRO A 102 2.01 -21.56 -0.82
CA PRO A 102 0.66 -21.29 -0.30
C PRO A 102 -0.39 -21.97 -1.17
N ALA A 103 -1.60 -22.18 -0.65
CA ALA A 103 -2.73 -22.52 -1.53
C ALA A 103 -2.86 -21.41 -2.56
N TYR A 104 -2.96 -21.79 -3.83
CA TYR A 104 -2.91 -20.80 -4.89
C TYR A 104 -3.58 -21.26 -6.17
N THR A 105 -3.82 -20.31 -7.04
CA THR A 105 -4.34 -20.53 -8.37
C THR A 105 -3.71 -19.46 -9.25
N PHE A 106 -3.79 -19.63 -10.57
CA PHE A 106 -3.43 -18.61 -11.55
C PHE A 106 -4.66 -18.06 -12.23
N SER A 107 -4.77 -16.74 -12.35
CA SER A 107 -5.78 -16.19 -13.23
C SER A 107 -5.36 -14.87 -13.84
N THR A 108 -6.17 -14.41 -14.78
CA THR A 108 -5.91 -13.19 -15.54
C THR A 108 -6.92 -12.14 -15.15
N VAL A 109 -6.44 -11.01 -14.60
CA VAL A 109 -7.38 -9.94 -14.25
C VAL A 109 -7.95 -9.27 -15.50
N LYS A 110 -9.16 -8.73 -15.37
CA LYS A 110 -9.77 -7.91 -16.41
C LYS A 110 -9.52 -6.44 -16.12
N PRO A 111 -9.54 -5.58 -17.16
CA PRO A 111 -9.41 -4.14 -16.93
C PRO A 111 -10.36 -3.64 -15.85
N GLY A 112 -9.87 -2.72 -15.02
CA GLY A 112 -10.66 -2.25 -13.90
C GLY A 112 -10.47 -3.07 -12.61
N ALA A 113 -9.78 -4.20 -12.68
CA ALA A 113 -9.51 -4.95 -11.46
C ALA A 113 -8.20 -4.49 -10.80
N SER A 114 -8.18 -4.49 -9.48
CA SER A 114 -6.97 -4.12 -8.76
C SER A 114 -6.25 -5.38 -8.28
N PHE A 115 -4.96 -5.25 -8.00
CA PHE A 115 -4.22 -6.33 -7.34
C PHE A 115 -3.03 -5.76 -6.60
N SER A 116 -2.39 -6.59 -5.78
CA SER A 116 -1.24 -6.20 -4.99
C SER A 116 0.05 -6.59 -5.71
N VAL A 117 1.08 -5.76 -5.59
CA VAL A 117 2.35 -6.08 -6.23
C VAL A 117 3.47 -6.19 -5.18
N LEU A 118 4.17 -7.32 -5.17
CA LEU A 118 5.38 -7.39 -4.34
C LEU A 118 6.54 -7.05 -5.26
N ALA A 119 7.06 -5.83 -5.12
CA ALA A 119 8.17 -5.38 -5.97
C ALA A 119 9.47 -5.97 -5.43
N CYS A 120 10.28 -6.52 -6.31
CA CYS A 120 11.50 -7.22 -5.89
C CYS A 120 12.75 -6.76 -6.64
N TYR A 121 13.91 -6.85 -5.97
CA TYR A 121 15.21 -6.51 -6.55
C TYR A 121 16.30 -7.48 -6.07
N ASN A 122 16.94 -8.17 -7.03
CA ASN A 122 17.97 -9.15 -6.73
C ASN A 122 17.43 -10.26 -5.85
N GLY A 123 16.19 -10.66 -6.13
CA GLY A 123 15.54 -11.68 -5.33
C GLY A 123 15.12 -11.22 -3.95
N LYS A 124 15.33 -9.96 -3.60
CA LYS A 124 14.82 -9.43 -2.33
C LYS A 124 13.53 -8.60 -2.47
N PRO A 125 12.47 -9.00 -1.75
CA PRO A 125 11.23 -8.20 -1.70
C PRO A 125 11.50 -6.81 -1.13
N THR A 126 11.05 -5.77 -1.82
CA THR A 126 11.48 -4.41 -1.49
C THR A 126 10.31 -3.49 -1.13
N GLY A 127 9.17 -3.72 -1.77
CA GLY A 127 8.01 -2.88 -1.56
C GLY A 127 6.70 -3.55 -1.92
N VAL A 128 5.62 -3.09 -1.28
CA VAL A 128 4.28 -3.57 -1.57
C VAL A 128 3.39 -2.38 -1.92
N PHE A 129 2.64 -2.50 -3.00
CA PHE A 129 1.70 -1.45 -3.36
C PHE A 129 0.57 -2.08 -4.18
N THR A 130 -0.52 -1.33 -4.36
CA THR A 130 -1.69 -1.80 -5.14
C THR A 130 -1.81 -1.07 -6.45
N VAL A 131 -2.11 -1.80 -7.51
CA VAL A 131 -2.35 -1.17 -8.80
C VAL A 131 -3.68 -1.60 -9.37
N ASN A 132 -4.12 -1.02 -10.47
CA ASN A 132 -5.10 -1.79 -11.23
C ASN A 132 -4.94 -1.71 -12.73
N LEU A 133 -5.33 -2.81 -13.36
CA LEU A 133 -5.25 -2.95 -14.80
C LEU A 133 -6.10 -1.86 -15.42
N ARG A 134 -5.45 -0.90 -16.08
CA ARG A 134 -6.18 0.20 -16.73
C ARG A 134 -6.97 -0.33 -17.93
N HIS A 135 -7.85 0.50 -18.47
CA HIS A 135 -8.66 0.11 -19.62
C HIS A 135 -7.83 -0.33 -20.83
N ASN A 136 -6.62 0.21 -20.97
CA ASN A 136 -5.73 -0.19 -22.05
C ASN A 136 -4.81 -1.34 -21.66
N SER A 137 -5.10 -1.97 -20.51
CA SER A 137 -4.35 -3.14 -20.07
C SER A 137 -2.87 -2.82 -19.79
N THR A 138 -2.65 -1.71 -19.13
CA THR A 138 -1.34 -1.40 -18.58
C THR A 138 -1.58 -1.20 -17.09
N ILE A 139 -0.52 -1.05 -16.30
CA ILE A 139 -0.69 -0.64 -14.91
C ILE A 139 0.16 0.60 -14.71
N LYS A 140 -0.17 1.37 -13.70
CA LYS A 140 0.59 2.57 -13.35
C LYS A 140 1.34 2.25 -12.07
N GLY A 141 2.51 1.63 -12.22
CA GLY A 141 3.23 1.15 -11.07
C GLY A 141 4.42 2.02 -10.73
N SER A 142 5.32 1.46 -9.92
CA SER A 142 6.60 2.09 -9.64
C SER A 142 7.62 0.97 -9.68
N PHE A 143 8.38 0.91 -10.77
CA PHE A 143 9.37 -0.14 -10.97
C PHE A 143 10.62 0.50 -11.52
N LEU A 144 11.76 -0.13 -11.25
CA LEU A 144 13.03 0.35 -11.76
C LEU A 144 13.70 -0.83 -12.43
N CYS A 145 14.80 -0.56 -13.14
CA CYS A 145 15.54 -1.62 -13.79
C CYS A 145 15.93 -2.67 -12.73
N GLY A 146 15.74 -3.95 -13.04
CA GLY A 146 16.01 -5.00 -12.09
C GLY A 146 14.75 -5.52 -11.41
N SER A 147 13.59 -4.97 -11.74
CA SER A 147 12.39 -5.34 -11.00
C SER A 147 11.53 -6.37 -11.71
N CYS A 148 11.94 -6.77 -12.92
CA CYS A 148 11.16 -7.75 -13.67
C CYS A 148 11.11 -9.06 -12.90
N GLY A 149 10.01 -9.78 -13.08
CA GLY A 149 9.76 -10.98 -12.30
C GLY A 149 9.02 -10.69 -11.00
N SER A 150 8.85 -9.41 -10.66
CA SER A 150 8.04 -8.99 -9.51
C SER A 150 6.63 -9.54 -9.67
N VAL A 151 5.92 -9.71 -8.56
CA VAL A 151 4.74 -10.56 -8.56
C VAL A 151 3.50 -9.78 -8.13
N GLY A 152 2.47 -9.83 -8.98
CA GLY A 152 1.17 -9.25 -8.67
C GLY A 152 0.22 -10.33 -8.21
N TYR A 153 -0.57 -10.05 -7.19
CA TYR A 153 -1.43 -11.08 -6.60
C TYR A 153 -2.65 -10.49 -5.88
N THR A 154 -3.64 -11.34 -5.62
CA THR A 154 -4.69 -11.04 -4.66
C THR A 154 -4.84 -12.24 -3.73
N GLU A 155 -5.58 -12.04 -2.66
CA GLU A 155 -5.79 -13.08 -1.66
C GLU A 155 -7.26 -13.04 -1.29
N ASN A 156 -7.91 -14.19 -1.36
CA ASN A 156 -9.34 -14.33 -1.09
C ASN A 156 -9.57 -15.71 -0.49
N GLY A 157 -10.20 -15.76 0.67
CA GLY A 157 -10.61 -17.00 1.31
C GLY A 157 -9.53 -18.05 1.39
N GLY A 158 -8.35 -17.65 1.87
CA GLY A 158 -7.22 -18.55 2.01
C GLY A 158 -6.40 -18.76 0.74
N VAL A 159 -6.96 -18.44 -0.41
CA VAL A 159 -6.27 -18.70 -1.68
C VAL A 159 -5.52 -17.48 -2.24
N ILE A 160 -4.21 -17.62 -2.42
CA ILE A 160 -3.44 -16.62 -3.16
C ILE A 160 -3.74 -16.77 -4.64
N ASN A 161 -4.10 -15.65 -5.26
CA ASN A 161 -4.36 -15.61 -6.69
C ASN A 161 -3.23 -14.88 -7.40
N PHE A 162 -2.44 -15.61 -8.18
CA PHE A 162 -1.27 -15.03 -8.83
C PHE A 162 -1.67 -14.62 -10.23
N VAL A 163 -1.53 -13.32 -10.51
CA VAL A 163 -2.12 -12.78 -11.73
C VAL A 163 -1.15 -12.00 -12.61
N TYR A 164 0.07 -11.77 -12.13
CA TYR A 164 0.94 -10.85 -12.85
C TYR A 164 2.41 -11.12 -12.55
N MET A 165 3.19 -11.22 -13.62
CA MET A 165 4.63 -11.13 -13.44
C MET A 165 5.16 -9.97 -14.29
N HIS A 166 5.87 -9.06 -13.64
CA HIS A 166 6.36 -7.84 -14.27
C HIS A 166 7.41 -8.07 -15.34
N GLN A 167 7.28 -7.36 -16.44
CA GLN A 167 8.19 -7.53 -17.58
C GLN A 167 8.87 -6.21 -18.01
N MET A 168 8.11 -5.12 -18.16
CA MET A 168 8.68 -3.93 -18.80
C MET A 168 8.04 -2.57 -18.50
N GLU A 169 8.75 -1.51 -18.87
CA GLU A 169 8.23 -0.16 -18.77
C GLU A 169 7.95 0.40 -20.16
N LEU A 170 6.70 0.82 -20.38
CA LEU A 170 6.24 1.20 -21.72
C LEU A 170 6.50 2.66 -22.00
N SER A 171 6.42 3.44 -20.93
CA SER A 171 6.64 4.89 -20.96
C SER A 171 6.60 5.30 -19.50
N ASN A 172 6.71 6.60 -19.24
CA ASN A 172 6.73 7.10 -17.87
C ASN A 172 5.61 6.56 -16.99
N GLY A 173 6.00 5.92 -15.88
CA GLY A 173 5.08 5.37 -14.91
C GLY A 173 4.07 4.40 -15.50
N THR A 174 4.41 3.78 -16.61
CA THR A 174 3.47 2.87 -17.24
C THR A 174 4.10 1.54 -17.57
N HIS A 175 3.50 0.51 -16.99
CA HIS A 175 4.16 -0.78 -16.97
C HIS A 175 3.26 -1.89 -17.46
N THR A 176 3.86 -2.99 -17.88
CA THR A 176 3.06 -4.16 -18.12
C THR A 176 3.87 -5.40 -17.84
N GLY A 177 3.18 -6.54 -17.93
CA GLY A 177 3.76 -7.83 -17.63
C GLY A 177 2.76 -8.88 -18.07
N SER A 178 2.94 -10.10 -17.62
CA SER A 178 2.11 -11.19 -18.10
C SER A 178 1.44 -11.91 -16.95
N SER A 179 0.36 -12.63 -17.27
CA SER A 179 -0.17 -13.63 -16.34
C SER A 179 0.71 -14.88 -16.43
N PHE A 180 0.38 -15.89 -15.67
CA PHE A 180 1.28 -17.03 -15.60
C PHE A 180 0.99 -18.06 -16.67
N ASP A 181 0.15 -17.71 -17.63
CA ASP A 181 0.05 -18.50 -18.84
C ASP A 181 0.96 -17.88 -19.89
N GLY A 182 1.67 -16.81 -19.51
CA GLY A 182 2.65 -16.21 -20.39
C GLY A 182 2.06 -15.32 -21.47
N VAL A 183 0.81 -14.91 -21.30
CA VAL A 183 0.23 -13.91 -22.15
C VAL A 183 0.53 -12.52 -21.57
N MET A 184 1.08 -11.64 -22.39
CA MET A 184 1.32 -10.28 -21.94
C MET A 184 0.03 -9.49 -21.90
N TYR A 185 -0.27 -8.87 -20.76
CA TYR A 185 -1.37 -7.91 -20.67
C TYR A 185 -1.19 -6.82 -21.73
N GLY A 186 -2.22 -6.61 -22.54
CA GLY A 186 -2.19 -5.57 -23.55
C GLY A 186 -1.58 -6.06 -24.84
N ALA A 187 -1.13 -7.30 -24.83
CA ALA A 187 -0.48 -7.96 -25.97
C ALA A 187 0.84 -7.30 -26.41
N PHE A 188 1.42 -6.47 -25.56
CA PHE A 188 2.74 -5.93 -25.88
C PHE A 188 3.77 -7.06 -26.02
N GLU A 189 4.79 -6.83 -26.85
CA GLU A 189 5.82 -7.83 -27.07
C GLU A 189 7.01 -7.52 -26.20
N ASP A 190 7.73 -8.57 -25.79
CA ASP A 190 8.88 -8.36 -24.93
C ASP A 190 10.15 -8.11 -25.76
N LYS A 191 10.17 -6.97 -26.45
CA LYS A 191 11.37 -6.50 -27.13
C LYS A 191 11.38 -4.97 -27.07
N GLN A 192 12.57 -4.39 -27.20
CA GLN A 192 12.73 -2.95 -26.94
C GLN A 192 12.54 -2.10 -28.17
N THR A 193 11.28 -2.03 -28.58
CA THR A 193 10.85 -1.30 -29.75
C THR A 193 9.78 -0.33 -29.33
N HIS A 194 9.38 0.55 -30.23
CA HIS A 194 8.27 1.42 -29.90
C HIS A 194 6.97 0.66 -30.12
N GLN A 195 6.21 0.51 -29.05
CA GLN A 195 4.90 -0.11 -29.11
C GLN A 195 3.95 0.88 -28.48
N LEU A 196 2.88 1.18 -29.17
CA LEU A 196 1.99 2.22 -28.69
C LEU A 196 0.86 1.62 -27.87
N GLN A 197 0.55 2.30 -26.77
CA GLN A 197 -0.54 1.86 -25.90
C GLN A 197 -1.81 2.57 -26.33
N LEU A 198 -2.94 1.91 -26.17
CA LEU A 198 -4.23 2.51 -26.50
C LEU A 198 -4.58 3.58 -25.48
N THR A 199 -5.77 4.16 -25.64
CA THR A 199 -6.11 5.46 -25.05
C THR A 199 -6.31 5.56 -23.53
N ASP A 200 -7.11 4.65 -22.97
CA ASP A 200 -7.45 4.53 -21.53
C ASP A 200 -8.67 5.38 -21.17
N LYS A 201 -9.48 4.84 -20.25
CA LYS A 201 -10.74 5.45 -19.83
C LYS A 201 -10.92 5.37 -18.31
N TYR A 202 -11.65 6.33 -17.75
CA TYR A 202 -12.11 6.18 -16.38
C TYR A 202 -12.99 4.95 -16.27
N CYS A 203 -12.79 4.17 -15.21
CA CYS A 203 -13.59 3.00 -14.93
C CYS A 203 -14.79 3.40 -14.09
N THR A 204 -15.96 3.47 -14.73
CA THR A 204 -17.15 4.01 -14.10
C THR A 204 -17.56 3.30 -12.83
N ILE A 205 -17.61 1.98 -12.88
CA ILE A 205 -18.09 1.25 -11.73
C ILE A 205 -17.16 1.45 -10.53
N ASN A 206 -15.87 1.66 -10.78
CA ASN A 206 -14.93 1.98 -9.67
C ASN A 206 -15.18 3.41 -9.16
N VAL A 207 -15.48 4.34 -10.08
CA VAL A 207 -15.79 5.71 -9.66
C VAL A 207 -17.06 5.74 -8.79
N VAL A 208 -18.06 4.98 -9.22
CA VAL A 208 -19.29 4.82 -8.47
C VAL A 208 -19.02 4.25 -7.06
N ALA A 209 -18.24 3.17 -6.98
CA ALA A 209 -17.80 2.61 -5.68
C ALA A 209 -17.14 3.66 -4.81
N TRP A 210 -16.24 4.42 -5.43
CA TRP A 210 -15.58 5.51 -4.75
C TRP A 210 -16.59 6.49 -4.16
N LEU A 211 -17.59 6.87 -4.96
CA LEU A 211 -18.57 7.87 -4.52
C LEU A 211 -19.36 7.34 -3.33
N TYR A 212 -19.65 6.04 -3.37
CA TYR A 212 -20.35 5.40 -2.26
C TYR A 212 -19.49 5.39 -0.98
N ALA A 213 -18.17 5.20 -1.16
CA ALA A 213 -17.20 5.26 -0.05
C ALA A 213 -17.23 6.63 0.57
N ALA A 214 -17.31 7.66 -0.28
CA ALA A 214 -17.35 9.04 0.19
C ALA A 214 -18.58 9.25 1.09
N VAL A 215 -19.75 8.82 0.58
CA VAL A 215 -21.01 8.98 1.28
C VAL A 215 -20.94 8.32 2.63
N LEU A 216 -20.44 7.09 2.66
CA LEU A 216 -20.31 6.36 3.93
C LEU A 216 -19.35 7.05 4.89
N ASN A 217 -18.41 7.84 4.35
CA ASN A 217 -17.47 8.57 5.18
C ASN A 217 -17.85 10.04 5.43
N GLY A 218 -19.12 10.38 5.20
CA GLY A 218 -19.61 11.73 5.51
C GLY A 218 -19.61 12.78 4.41
N CYS A 219 -19.01 12.47 3.27
CA CYS A 219 -19.02 13.37 2.11
C CYS A 219 -20.18 13.03 1.19
N LYS A 220 -21.18 13.91 1.07
CA LYS A 220 -22.38 13.60 0.29
C LYS A 220 -22.97 14.77 -0.50
N TRP A 221 -22.20 15.84 -0.68
CA TRP A 221 -22.71 17.05 -1.32
C TRP A 221 -23.01 16.89 -2.82
N PHE A 222 -22.32 15.96 -3.45
CA PHE A 222 -22.50 15.69 -4.89
C PHE A 222 -23.81 14.92 -5.19
N VAL A 223 -24.50 14.47 -4.15
CA VAL A 223 -25.72 13.69 -4.30
C VAL A 223 -26.91 14.61 -4.37
N LYS A 224 -27.56 14.62 -5.55
CA LYS A 224 -28.81 15.36 -5.82
C LYS A 224 -29.99 14.41 -6.08
N PRO A 225 -31.21 14.96 -6.18
CA PRO A 225 -32.31 14.12 -6.68
C PRO A 225 -32.14 13.76 -8.16
N THR A 226 -31.27 14.48 -8.85
CA THR A 226 -30.94 14.17 -10.25
C THR A 226 -30.50 12.72 -10.48
N ARG A 227 -31.00 12.14 -11.58
CA ARG A 227 -30.66 10.79 -11.95
C ARG A 227 -30.37 10.70 -13.42
N VAL A 228 -29.43 9.84 -13.78
CA VAL A 228 -29.27 9.45 -15.18
C VAL A 228 -29.40 7.93 -15.28
N GLY A 229 -30.29 7.47 -16.15
CA GLY A 229 -30.46 6.03 -16.36
C GLY A 229 -29.19 5.45 -16.96
N ILE A 230 -29.00 4.16 -16.76
CA ILE A 230 -27.81 3.45 -17.22
C ILE A 230 -27.57 3.53 -18.73
N VAL A 231 -28.64 3.27 -19.49
CA VAL A 231 -28.58 3.33 -20.96
C VAL A 231 -28.19 4.73 -21.41
N THR A 232 -28.73 5.75 -20.75
CA THR A 232 -28.36 7.12 -21.11
C THR A 232 -26.92 7.36 -20.69
N TYR A 233 -26.61 6.96 -19.45
CA TYR A 233 -25.24 7.16 -18.94
C TYR A 233 -24.28 6.56 -19.93
N ASN A 234 -24.58 5.35 -20.38
CA ASN A 234 -23.65 4.61 -21.23
C ASN A 234 -23.42 5.26 -22.60
N GLU A 235 -24.42 5.98 -23.13
CA GLU A 235 -24.26 6.65 -24.41
C GLU A 235 -23.28 7.79 -24.26
N TRP A 236 -23.44 8.54 -23.18
CA TRP A 236 -22.53 9.62 -22.85
C TRP A 236 -21.08 9.11 -22.62
N ALA A 237 -20.95 7.95 -21.98
CA ALA A 237 -19.65 7.39 -21.64
C ALA A 237 -18.82 7.13 -22.89
N LEU A 238 -19.47 6.61 -23.94
CA LEU A 238 -18.79 6.30 -25.21
C LEU A 238 -18.16 7.52 -25.86
N SER A 239 -18.55 8.71 -25.42
CA SER A 239 -18.01 9.93 -25.99
C SER A 239 -17.20 10.72 -24.99
N ASN A 240 -17.12 10.23 -23.76
CA ASN A 240 -16.40 10.99 -22.74
C ASN A 240 -15.31 10.18 -22.03
N GLN A 241 -14.83 9.14 -22.70
CA GLN A 241 -13.76 8.29 -22.16
C GLN A 241 -14.09 7.74 -20.77
N PHE A 242 -15.32 7.24 -20.62
CA PHE A 242 -15.66 6.43 -19.46
C PHE A 242 -16.06 5.04 -19.96
N THR A 243 -15.79 4.00 -19.17
CA THR A 243 -16.28 2.67 -19.50
C THR A 243 -17.82 2.59 -19.32
N GLU A 244 -18.44 1.58 -19.91
CA GLU A 244 -19.87 1.40 -19.76
C GLU A 244 -20.16 0.91 -18.36
N PHE A 245 -21.29 1.33 -17.80
CA PHE A 245 -21.68 0.82 -16.52
C PHE A 245 -22.47 -0.48 -16.63
N VAL A 246 -22.04 -1.49 -15.86
CA VAL A 246 -22.78 -2.74 -15.74
C VAL A 246 -23.01 -3.01 -14.26
N GLY A 247 -24.24 -3.28 -13.87
CA GLY A 247 -24.57 -3.52 -12.47
C GLY A 247 -23.90 -4.75 -11.89
N THR A 248 -23.78 -4.79 -10.57
CA THR A 248 -23.17 -5.90 -9.84
C THR A 248 -23.76 -5.96 -8.44
N GLN A 249 -23.75 -7.15 -7.84
CA GLN A 249 -24.20 -7.34 -6.48
C GLN A 249 -23.49 -6.41 -5.49
N SER A 250 -22.18 -6.20 -5.70
CA SER A 250 -21.36 -5.39 -4.79
C SER A 250 -21.76 -3.92 -4.77
N ILE A 251 -22.04 -3.37 -5.93
CA ILE A 251 -22.58 -2.01 -6.03
C ILE A 251 -23.98 -1.91 -5.40
N ASP A 252 -24.81 -2.91 -5.68
CA ASP A 252 -26.16 -2.92 -5.12
C ASP A 252 -26.13 -3.02 -3.59
N MET A 253 -25.12 -3.66 -3.00
CA MET A 253 -24.98 -3.65 -1.53
C MET A 253 -24.73 -2.24 -1.02
N LEU A 254 -24.01 -1.45 -1.79
CA LEU A 254 -23.66 -0.10 -1.38
C LEU A 254 -24.84 0.86 -1.56
N ALA A 255 -25.58 0.68 -2.65
CA ALA A 255 -26.79 1.48 -2.87
C ALA A 255 -27.76 1.27 -1.71
N HIS A 256 -27.87 0.01 -1.29
CA HIS A 256 -28.80 -0.37 -0.23
C HIS A 256 -28.34 0.16 1.12
N ARG A 257 -27.04 0.11 1.38
CA ARG A 257 -26.52 0.58 2.66
C ARG A 257 -26.68 2.11 2.78
N THR A 258 -26.53 2.84 1.68
CA THR A 258 -26.52 4.30 1.73
C THR A 258 -27.87 4.91 1.35
N GLY A 259 -28.76 4.11 0.76
CA GLY A 259 -30.04 4.63 0.28
C GLY A 259 -29.85 5.59 -0.88
N VAL A 260 -28.68 5.56 -1.52
CA VAL A 260 -28.45 6.36 -2.72
C VAL A 260 -28.44 5.48 -3.99
N SER A 261 -29.28 5.83 -4.96
CA SER A 261 -29.42 4.96 -6.11
C SER A 261 -28.22 5.06 -7.04
N VAL A 262 -27.98 4.00 -7.77
CA VAL A 262 -26.92 3.98 -8.76
C VAL A 262 -27.08 5.14 -9.73
N GLU A 263 -28.30 5.35 -10.20
CA GLU A 263 -28.48 6.37 -11.21
C GLU A 263 -28.27 7.79 -10.68
N GLN A 264 -28.39 8.00 -9.37
CA GLN A 264 -27.96 9.27 -8.78
C GLN A 264 -26.45 9.44 -8.90
N MET A 265 -25.71 8.34 -8.70
CA MET A 265 -24.24 8.33 -8.78
C MET A 265 -23.79 8.63 -10.20
N LEU A 266 -24.47 8.04 -11.19
CA LEU A 266 -24.10 8.30 -12.58
C LEU A 266 -24.34 9.77 -12.92
N ALA A 267 -25.43 10.34 -12.40
CA ALA A 267 -25.65 11.77 -12.58
C ALA A 267 -24.51 12.58 -11.92
N ALA A 268 -24.19 12.24 -10.68
CA ALA A 268 -23.03 12.85 -9.98
C ALA A 268 -21.75 12.78 -10.83
N ILE A 269 -21.49 11.64 -11.44
CA ILE A 269 -20.29 11.51 -12.28
C ILE A 269 -20.30 12.48 -13.48
N GLN A 270 -21.49 12.71 -14.05
CA GLN A 270 -21.67 13.64 -15.15
C GLN A 270 -21.41 15.07 -14.69
N SER A 271 -22.01 15.46 -13.56
CA SER A 271 -21.74 16.77 -12.98
CA SER A 271 -21.75 16.77 -13.00
C SER A 271 -20.26 16.94 -12.67
N LEU A 272 -19.73 16.04 -11.83
CA LEU A 272 -18.34 16.15 -11.35
C LEU A 272 -17.29 16.18 -12.47
N HIS A 273 -17.51 15.41 -13.52
CA HIS A 273 -16.59 15.41 -14.65
C HIS A 273 -16.55 16.77 -15.33
N ALA A 274 -17.64 17.53 -15.24
CA ALA A 274 -17.67 18.88 -15.77
C ALA A 274 -16.93 19.85 -14.82
N GLY A 275 -16.67 19.40 -13.60
CA GLY A 275 -15.98 20.23 -12.63
C GLY A 275 -16.44 19.99 -11.21
N PHE A 276 -15.49 19.96 -10.29
CA PHE A 276 -15.80 19.78 -8.87
C PHE A 276 -16.27 21.08 -8.24
N GLN A 277 -16.32 22.14 -9.06
CA GLN A 277 -16.77 23.46 -8.63
C GLN A 277 -16.04 23.91 -7.37
N GLY A 278 -14.72 23.68 -7.34
CA GLY A 278 -13.89 24.09 -6.23
C GLY A 278 -14.12 23.37 -4.91
N LYS A 279 -14.66 22.15 -4.96
CA LYS A 279 -14.83 21.36 -3.74
C LYS A 279 -14.11 20.02 -3.84
N THR A 280 -14.11 19.27 -2.75
CA THR A 280 -13.30 18.05 -2.66
C THR A 280 -14.07 16.83 -2.20
N ILE A 281 -13.71 15.67 -2.75
CA ILE A 281 -14.27 14.41 -2.30
C ILE A 281 -13.17 13.52 -1.76
N LEU A 282 -13.26 13.19 -0.48
CA LEU A 282 -12.15 12.55 0.26
C LEU A 282 -10.81 13.12 -0.19
N GLY A 283 -10.67 14.44 -0.07
CA GLY A 283 -9.40 15.09 -0.35
C GLY A 283 -9.11 15.33 -1.83
N GLN A 284 -9.71 14.54 -2.71
CA GLN A 284 -9.42 14.67 -4.13
C GLN A 284 -10.28 15.74 -4.78
N SER A 285 -9.79 16.28 -5.88
CA SER A 285 -10.55 17.21 -6.71
C SER A 285 -10.66 16.63 -8.11
N THR A 286 -10.26 15.38 -8.25
CA THR A 286 -10.47 14.67 -9.52
C THR A 286 -11.10 13.32 -9.21
N LEU A 287 -11.64 12.66 -10.23
CA LEU A 287 -12.32 11.39 -10.00
C LEU A 287 -11.32 10.26 -9.82
N GLU A 288 -11.48 9.54 -8.72
CA GLU A 288 -10.67 8.38 -8.40
C GLU A 288 -11.30 7.10 -8.94
N ASP A 289 -10.60 6.39 -9.82
CA ASP A 289 -11.20 5.21 -10.45
C ASP A 289 -10.40 3.92 -10.19
N GLU A 290 -9.64 3.87 -9.10
CA GLU A 290 -8.83 2.68 -8.89
C GLU A 290 -9.25 1.84 -7.66
N PHE A 291 -10.21 2.31 -6.85
CA PHE A 291 -10.86 1.40 -5.87
C PHE A 291 -12.03 0.67 -6.50
N THR A 292 -12.01 -0.65 -6.43
CA THR A 292 -13.11 -1.44 -6.94
C THR A 292 -14.27 -1.49 -5.91
N PRO A 293 -15.43 -2.00 -6.34
CA PRO A 293 -16.52 -2.18 -5.37
C PRO A 293 -16.16 -3.15 -4.24
N ASP A 294 -15.43 -4.21 -4.56
CA ASP A 294 -14.97 -5.14 -3.52
C ASP A 294 -13.95 -4.47 -2.58
N ASP A 295 -12.99 -3.72 -3.14
CA ASP A 295 -12.07 -2.93 -2.32
C ASP A 295 -12.84 -2.00 -1.39
N VAL A 296 -13.88 -1.36 -1.90
CA VAL A 296 -14.61 -0.41 -1.07
C VAL A 296 -15.35 -1.16 0.03
N ASN A 297 -15.98 -2.28 -0.31
CA ASN A 297 -16.79 -3.04 0.65
C ASN A 297 -15.90 -3.58 1.78
N MET A 298 -14.67 -3.95 1.46
CA MET A 298 -13.78 -4.52 2.48
C MET A 298 -13.40 -3.48 3.52
N GLN A 299 -13.31 -2.21 3.12
CA GLN A 299 -12.92 -1.13 4.05
C GLN A 299 -14.11 -0.40 4.69
N VAL A 300 -15.32 -0.61 4.16
CA VAL A 300 -16.55 -0.11 4.77
C VAL A 300 -17.43 -1.29 5.18
N MET A 301 -16.80 -2.46 5.35
CA MET A 301 -17.41 -3.68 5.89
C MET A 301 -18.24 -3.39 7.13
N GLY A 302 -19.52 -3.75 7.10
CA GLY A 302 -20.37 -3.57 8.26
C GLY A 302 -21.41 -4.66 8.46
N VAL A 303 -22.02 -4.64 9.64
CA VAL A 303 -23.17 -5.49 9.96
C VAL A 303 -24.45 -4.97 9.26
N VAL A 304 -25.24 -5.86 8.68
CA VAL A 304 -26.48 -5.44 8.03
C VAL A 304 -27.74 -5.91 8.78
N MET A 305 -28.56 -4.97 9.24
CA MET A 305 -29.85 -5.33 9.80
C MET A 305 -30.67 -5.94 8.69
N GLN A 306 -31.21 -7.13 8.91
CA GLN A 306 -32.02 -7.77 7.88
C GLN A 306 -33.48 -7.70 8.29
N SER B 1 10.29 3.89 -13.83
CA SER B 1 9.75 5.13 -13.28
C SER B 1 8.37 4.95 -12.62
N GLY B 2 7.76 6.06 -12.21
CA GLY B 2 6.48 6.02 -11.56
C GLY B 2 6.60 6.28 -10.08
N LEU B 3 5.56 6.88 -9.50
CA LEU B 3 5.57 7.16 -8.08
C LEU B 3 4.25 6.73 -7.44
N VAL B 4 4.30 5.79 -6.50
CA VAL B 4 3.10 5.35 -5.82
C VAL B 4 3.37 5.19 -4.33
N LYS B 5 2.31 5.08 -3.56
CA LYS B 5 2.37 4.76 -2.15
C LYS B 5 2.88 3.34 -1.93
N MET B 6 4.07 3.22 -1.38
CA MET B 6 4.72 1.92 -1.26
C MET B 6 4.93 1.53 0.22
N SER B 7 4.71 0.27 0.55
CA SER B 7 4.94 -0.19 1.92
C SER B 7 6.04 -1.22 1.97
N ALA B 8 6.62 -1.37 3.15
CA ALA B 8 7.62 -2.40 3.36
C ALA B 8 6.93 -3.76 3.44
N PRO B 9 7.54 -4.77 2.83
CA PRO B 9 6.96 -6.13 2.86
C PRO B 9 6.66 -6.53 4.30
N SER B 10 5.55 -7.20 4.52
CA SER B 10 5.02 -7.34 5.87
C SER B 10 5.22 -8.74 6.48
N GLY B 11 5.87 -9.64 5.75
CA GLY B 11 5.99 -11.01 6.20
C GLY B 11 6.64 -11.20 7.57
N ALA B 12 7.69 -10.42 7.85
CA ALA B 12 8.42 -10.61 9.12
C ALA B 12 7.55 -10.11 10.24
N VAL B 13 6.69 -9.14 9.93
CA VAL B 13 5.75 -8.62 10.93
C VAL B 13 4.53 -9.54 11.07
N GLU B 14 4.09 -10.13 9.97
CA GLU B 14 2.99 -11.10 10.04
C GLU B 14 3.33 -12.20 11.05
N ASN B 15 4.57 -12.71 10.99
CA ASN B 15 5.05 -13.74 11.92
C ASN B 15 4.88 -13.39 13.39
N CYS B 16 4.70 -12.11 13.70
CA CYS B 16 4.69 -11.69 15.09
C CYS B 16 3.32 -11.35 15.63
N ILE B 17 2.31 -11.36 14.77
CA ILE B 17 0.97 -10.94 15.18
C ILE B 17 0.29 -12.06 15.99
N VAL B 18 -0.36 -11.67 17.06
CA VAL B 18 -1.17 -12.60 17.85
C VAL B 18 -2.48 -11.96 18.25
N GLN B 19 -3.38 -12.80 18.73
CA GLN B 19 -4.63 -12.33 19.26
C GLN B 19 -4.56 -12.38 20.77
N VAL B 20 -4.97 -11.30 21.42
CA VAL B 20 -5.07 -11.29 22.88
C VAL B 20 -6.52 -11.13 23.32
N THR B 21 -6.94 -12.01 24.22
CA THR B 21 -8.29 -11.99 24.79
C THR B 21 -8.27 -11.76 26.30
N CYS B 22 -9.01 -10.75 26.75
CA CYS B 22 -9.15 -10.51 28.19
C CYS B 22 -10.59 -10.68 28.61
N GLY B 23 -11.10 -9.74 29.40
CA GLY B 23 -12.44 -9.85 29.94
C GLY B 23 -13.36 -8.69 29.59
N SER B 24 -13.95 -8.73 28.39
CA SER B 24 -13.68 -9.81 27.44
C SER B 24 -13.51 -9.27 26.01
N MET B 25 -13.43 -10.20 25.08
CA MET B 25 -13.24 -9.92 23.66
C MET B 25 -11.85 -9.31 23.35
N THR B 26 -11.43 -9.46 22.10
CA THR B 26 -10.00 -9.46 21.80
C THR B 26 -9.44 -8.22 21.10
N LEU B 27 -8.12 -8.07 21.25
CA LEU B 27 -7.34 -7.11 20.47
C LEU B 27 -6.20 -7.82 19.77
N ASN B 28 -5.47 -7.12 18.93
CA ASN B 28 -4.27 -7.72 18.33
C ASN B 28 -3.05 -7.45 19.20
N GLY B 29 -2.09 -8.36 19.15
CA GLY B 29 -0.88 -8.20 19.92
C GLY B 29 0.37 -8.47 19.12
N LEU B 30 1.50 -7.96 19.62
CA LEU B 30 2.80 -8.18 18.99
C LEU B 30 3.70 -9.07 19.86
N TRP B 31 4.08 -10.19 19.29
CA TRP B 31 4.84 -11.22 19.97
C TRP B 31 6.32 -11.18 19.54
N LEU B 32 7.15 -10.61 20.42
CA LEU B 32 8.60 -10.51 20.22
C LEU B 32 9.35 -11.21 21.33
N ASP B 33 10.18 -12.20 20.99
CA ASP B 33 10.89 -13.00 21.99
C ASP B 33 9.87 -13.62 22.97
N ASN B 34 9.97 -13.25 24.25
CA ASN B 34 9.10 -13.78 25.29
C ASN B 34 8.04 -12.79 25.71
N THR B 35 7.95 -11.68 24.97
CA THR B 35 7.05 -10.60 25.30
C THR B 35 5.87 -10.54 24.32
N VAL B 36 4.72 -10.07 24.80
CA VAL B 36 3.60 -9.78 23.94
C VAL B 36 3.12 -8.38 24.27
N TRP B 37 3.08 -7.50 23.26
CA TRP B 37 2.59 -6.15 23.48
C TRP B 37 1.19 -6.02 22.89
N CYS B 38 0.36 -5.21 23.53
CA CYS B 38 -0.99 -4.97 23.07
C CYS B 38 -1.54 -3.77 23.83
N PRO B 39 -2.56 -3.08 23.28
CA PRO B 39 -3.06 -1.89 23.98
C PRO B 39 -3.63 -2.25 25.35
N ARG B 40 -3.54 -1.33 26.31
CA ARG B 40 -3.95 -1.63 27.68
C ARG B 40 -5.45 -1.54 27.87
N HIS B 41 -6.14 -0.92 26.91
CA HIS B 41 -7.60 -0.78 27.02
C HIS B 41 -8.28 -2.10 26.72
N ILE B 42 -7.52 -3.20 26.82
CA ILE B 42 -8.05 -4.54 26.60
C ILE B 42 -8.50 -5.18 27.92
N MET B 43 -8.04 -4.64 29.04
CA MET B 43 -8.54 -5.07 30.35
C MET B 43 -9.80 -4.29 30.65
N CYS B 44 -10.73 -4.27 29.70
CA CYS B 44 -11.79 -3.26 29.70
C CYS B 44 -13.11 -3.78 29.12
N PRO B 45 -14.22 -3.15 29.53
CA PRO B 45 -15.55 -3.65 29.16
C PRO B 45 -16.05 -3.15 27.80
N ALA B 46 -17.22 -2.52 27.81
CA ALA B 46 -17.84 -1.98 26.61
C ALA B 46 -18.91 -0.96 27.00
N ASP B 47 -19.27 -0.95 28.28
CA ASP B 47 -20.29 -0.06 28.80
C ASP B 47 -19.68 1.29 29.17
N GLN B 48 -18.94 1.32 30.27
CA GLN B 48 -18.29 2.55 30.72
C GLN B 48 -16.77 2.38 30.80
N LEU B 49 -16.06 3.44 30.41
CA LEU B 49 -14.62 3.42 30.35
C LEU B 49 -14.20 4.87 30.11
N THR B 50 -15.18 5.77 30.22
CA THR B 50 -14.99 7.20 29.99
C THR B 50 -13.87 7.74 30.88
N ASP B 51 -14.07 7.69 32.19
CA ASP B 51 -13.03 8.04 33.15
CA ASP B 51 -13.00 8.02 33.11
C ASP B 51 -12.65 6.82 33.97
N PRO B 52 -11.68 6.04 33.49
CA PRO B 52 -11.28 4.82 34.17
C PRO B 52 -10.00 5.01 34.93
N ASN B 53 -9.69 3.97 35.67
CA ASN B 53 -8.55 3.96 36.49
C ASN B 53 -7.88 2.66 36.06
N TYR B 54 -6.71 2.75 35.42
CA TYR B 54 -6.06 1.57 34.83
C TYR B 54 -5.17 0.84 35.83
N ASP B 55 -4.78 1.61 36.84
CA ASP B 55 -4.15 1.15 38.08
C ASP B 55 -4.61 -0.21 38.57
N ALA B 56 -5.93 -0.37 38.54
CA ALA B 56 -6.58 -1.41 39.29
C ALA B 56 -7.12 -2.43 38.36
N LEU B 57 -7.68 -1.92 37.26
CA LEU B 57 -7.87 -2.68 36.03
C LEU B 57 -6.68 -3.62 35.75
N LEU B 58 -5.47 -3.16 36.08
CA LEU B 58 -4.29 -4.01 36.00
C LEU B 58 -4.22 -5.02 37.17
N ILE B 59 -4.27 -4.53 38.41
CA ILE B 59 -4.13 -5.44 39.56
C ILE B 59 -5.36 -6.32 39.76
N SER B 60 -6.52 -5.88 39.28
CA SER B 60 -7.75 -6.67 39.39
C SER B 60 -7.62 -8.01 38.66
N LYS B 61 -6.98 -7.98 37.49
CA LYS B 61 -6.82 -9.20 36.72
C LYS B 61 -5.47 -9.80 37.03
N THR B 62 -5.21 -10.98 36.46
CA THR B 62 -3.96 -11.68 36.76
C THR B 62 -3.67 -12.79 35.74
N ASN B 63 -2.39 -12.90 35.40
CA ASN B 63 -1.83 -13.94 34.52
C ASN B 63 -2.77 -14.52 33.45
N HIS B 64 -3.48 -15.59 33.78
CA HIS B 64 -4.36 -16.16 32.75
C HIS B 64 -5.77 -15.57 32.80
N SER B 65 -5.85 -14.28 33.13
CA SER B 65 -6.98 -13.45 32.73
C SER B 65 -6.84 -13.13 31.24
N PHE B 66 -5.64 -13.41 30.72
CA PHE B 66 -5.26 -13.14 29.34
C PHE B 66 -5.05 -14.43 28.55
N ILE B 67 -5.79 -14.57 27.46
CA ILE B 67 -5.54 -15.67 26.52
C ILE B 67 -4.88 -15.11 25.25
N VAL B 68 -3.80 -15.74 24.82
CA VAL B 68 -3.02 -15.25 23.70
C VAL B 68 -2.87 -16.36 22.68
N GLN B 69 -3.36 -16.17 21.48
CA GLN B 69 -3.28 -17.24 20.48
C GLN B 69 -2.57 -16.76 19.21
N LYS B 70 -1.82 -17.66 18.58
CA LYS B 70 -1.31 -17.39 17.24
C LYS B 70 -2.18 -18.16 16.22
N HIS B 71 -2.93 -17.39 15.42
CA HIS B 71 -3.93 -17.97 14.53
C HIS B 71 -3.37 -18.34 13.16
N ILE B 72 -2.38 -17.58 12.70
CA ILE B 72 -1.81 -17.80 11.38
C ILE B 72 -0.53 -18.59 11.50
N GLY B 73 -0.20 -19.37 10.46
CA GLY B 73 1.01 -20.16 10.46
C GLY B 73 0.96 -21.27 11.51
N ALA B 74 1.98 -21.34 12.35
CA ALA B 74 2.05 -22.38 13.37
C ALA B 74 1.21 -22.05 14.60
N GLN B 75 0.06 -22.72 14.74
CA GLN B 75 -0.93 -22.44 15.78
C GLN B 75 -0.53 -22.85 17.20
N ALA B 76 -0.54 -21.87 18.11
CA ALA B 76 -0.12 -22.07 19.50
C ALA B 76 -1.00 -21.29 20.47
N ASN B 77 -0.97 -21.67 21.75
CA ASN B 77 -1.83 -21.02 22.73
C ASN B 77 -1.08 -20.14 23.75
N LEU B 78 0.24 -20.28 23.87
CA LEU B 78 1.05 -19.29 24.59
C LEU B 78 0.58 -18.91 26.01
N ARG B 79 1.13 -19.60 27.02
CA ARG B 79 0.83 -19.32 28.42
C ARG B 79 1.36 -17.95 28.86
N VAL B 80 0.54 -17.15 29.52
CA VAL B 80 1.03 -15.92 30.11
C VAL B 80 1.49 -16.12 31.54
N VAL B 81 2.76 -15.83 31.80
CA VAL B 81 3.39 -16.10 33.08
C VAL B 81 3.77 -14.82 33.84
N ALA B 82 3.38 -13.67 33.29
CA ALA B 82 3.68 -12.37 33.92
C ALA B 82 3.07 -11.23 33.12
N HIS B 83 2.82 -10.10 33.79
CA HIS B 83 2.18 -8.96 33.14
C HIS B 83 2.49 -7.66 33.85
N SER B 84 2.54 -6.57 33.09
CA SER B 84 2.81 -5.26 33.65
C SER B 84 2.34 -4.20 32.67
N MET B 85 2.50 -2.95 33.04
CA MET B 85 1.95 -1.88 32.25
C MET B 85 2.98 -0.82 31.94
N VAL B 86 3.22 -0.58 30.65
CA VAL B 86 4.01 0.55 30.22
C VAL B 86 3.13 1.56 29.49
N GLY B 87 2.89 2.70 30.11
CA GLY B 87 2.10 3.75 29.51
C GLY B 87 0.70 3.32 29.13
N VAL B 88 0.37 3.42 27.84
CA VAL B 88 -0.94 3.03 27.37
C VAL B 88 -0.87 1.63 26.77
N LEU B 89 0.24 0.95 27.05
CA LEU B 89 0.46 -0.40 26.56
C LEU B 89 0.45 -1.43 27.67
N LEU B 90 0.20 -2.68 27.29
CA LEU B 90 0.24 -3.78 28.23
C LEU B 90 1.38 -4.71 27.83
N LYS B 91 2.28 -4.96 28.77
CA LYS B 91 3.46 -5.76 28.46
C LYS B 91 3.39 -7.12 29.13
N LEU B 92 2.99 -8.13 28.38
CA LEU B 92 2.87 -9.46 28.93
C LEU B 92 4.16 -10.23 28.72
N THR B 93 4.38 -11.26 29.53
CA THR B 93 5.48 -12.19 29.32
C THR B 93 4.87 -13.55 29.05
N VAL B 94 5.42 -14.30 28.11
CA VAL B 94 4.87 -15.63 27.82
C VAL B 94 5.96 -16.69 27.86
N ASP B 95 5.57 -17.90 28.25
CA ASP B 95 6.53 -18.99 28.46
C ASP B 95 7.27 -19.40 27.19
N VAL B 96 6.67 -19.15 26.03
CA VAL B 96 7.29 -19.51 24.76
C VAL B 96 7.86 -18.27 24.06
N ALA B 97 9.09 -18.39 23.56
CA ALA B 97 9.73 -17.30 22.82
C ALA B 97 9.47 -17.48 21.33
N ASN B 98 8.99 -16.42 20.68
CA ASN B 98 8.70 -16.46 19.25
C ASN B 98 9.94 -16.83 18.43
N PRO B 99 9.94 -18.03 17.84
CA PRO B 99 11.06 -18.52 17.03
C PRO B 99 11.26 -17.73 15.75
N SER B 100 10.28 -16.89 15.43
CA SER B 100 10.32 -16.12 14.19
C SER B 100 10.41 -14.63 14.51
N THR B 101 10.96 -14.32 15.67
CA THR B 101 11.26 -12.95 16.01
C THR B 101 12.33 -12.43 15.06
N PRO B 102 12.03 -11.35 14.32
CA PRO B 102 13.01 -10.77 13.41
C PRO B 102 13.92 -9.83 14.17
N ALA B 103 15.04 -9.47 13.57
CA ALA B 103 15.89 -8.43 14.12
C ALA B 103 15.05 -7.20 14.13
N TYR B 104 15.02 -6.49 15.26
CA TYR B 104 14.14 -5.35 15.37
C TYR B 104 14.64 -4.30 16.36
N THR B 105 14.14 -3.09 16.19
CA THR B 105 14.37 -1.99 17.13
C THR B 105 13.05 -1.26 17.36
N PHE B 106 12.98 -0.43 18.38
CA PHE B 106 11.82 0.41 18.67
C PHE B 106 12.20 1.87 18.43
N SER B 107 11.33 2.65 17.78
CA SER B 107 11.55 4.09 17.79
C SER B 107 10.26 4.89 17.67
N THR B 108 10.42 6.20 17.75
CA THR B 108 9.32 7.12 17.68
C THR B 108 9.50 7.99 16.46
N VAL B 109 8.48 8.06 15.59
CA VAL B 109 8.60 8.88 14.40
C VAL B 109 8.26 10.34 14.71
N LYS B 110 8.79 11.27 13.91
CA LYS B 110 8.46 12.68 14.07
C LYS B 110 7.38 13.05 13.06
N PRO B 111 6.63 14.13 13.34
CA PRO B 111 5.61 14.52 12.34
C PRO B 111 6.23 14.71 10.95
N GLY B 112 5.54 14.26 9.92
CA GLY B 112 6.12 14.29 8.58
C GLY B 112 6.76 12.98 8.15
N ALA B 113 6.97 12.07 9.10
CA ALA B 113 7.57 10.79 8.76
C ALA B 113 6.49 9.84 8.28
N SER B 114 6.89 8.84 7.50
CA SER B 114 5.94 7.87 7.04
C SER B 114 6.33 6.48 7.50
N PHE B 115 5.35 5.60 7.61
CA PHE B 115 5.64 4.22 7.94
C PHE B 115 4.56 3.29 7.39
N SER B 116 4.88 2.00 7.34
CA SER B 116 3.95 0.98 6.90
C SER B 116 3.07 0.52 8.06
N VAL B 117 1.84 0.11 7.73
CA VAL B 117 0.91 -0.42 8.71
C VAL B 117 0.36 -1.78 8.27
N LEU B 118 0.40 -2.77 9.15
CA LEU B 118 -0.28 -4.03 8.91
C LEU B 118 -1.59 -4.03 9.70
N ALA B 119 -2.71 -3.75 9.03
CA ALA B 119 -4.01 -3.77 9.70
C ALA B 119 -4.38 -5.19 10.05
N CYS B 120 -4.79 -5.41 11.29
CA CYS B 120 -5.07 -6.75 11.75
C CYS B 120 -6.44 -6.85 12.41
N TYR B 121 -7.04 -8.02 12.31
CA TYR B 121 -8.31 -8.34 12.97
C TYR B 121 -8.28 -9.79 13.45
N ASN B 122 -8.63 -9.98 14.73
CA ASN B 122 -8.59 -11.30 15.37
C ASN B 122 -7.24 -11.97 15.24
N GLY B 123 -6.17 -11.18 15.36
CA GLY B 123 -4.82 -11.71 15.24
C GLY B 123 -4.57 -12.20 13.82
N LYS B 124 -5.32 -11.67 12.86
CA LYS B 124 -5.07 -12.02 11.47
C LYS B 124 -4.72 -10.78 10.65
N PRO B 125 -3.60 -10.84 9.92
CA PRO B 125 -3.20 -9.79 8.97
C PRO B 125 -4.19 -9.70 7.81
N THR B 126 -4.64 -8.47 7.53
CA THR B 126 -5.71 -8.20 6.56
C THR B 126 -5.25 -7.31 5.41
N GLY B 127 -4.62 -6.20 5.77
CA GLY B 127 -4.10 -5.26 4.78
C GLY B 127 -2.82 -4.56 5.21
N VAL B 128 -2.12 -4.03 4.22
CA VAL B 128 -0.94 -3.24 4.42
C VAL B 128 -1.11 -1.91 3.72
N PHE B 129 -0.86 -0.82 4.40
CA PHE B 129 -0.85 0.47 3.72
C PHE B 129 0.19 1.36 4.35
N THR B 130 0.49 2.49 3.71
CA THR B 130 1.43 3.44 4.25
C THR B 130 0.73 4.66 4.80
N VAL B 131 1.21 5.20 5.90
CA VAL B 131 0.62 6.42 6.41
C VAL B 131 1.71 7.43 6.72
N ASN B 132 1.27 8.63 7.04
CA ASN B 132 2.19 9.70 7.37
CA ASN B 132 2.17 9.72 7.34
C ASN B 132 1.74 10.38 8.66
N LEU B 133 2.66 10.49 9.62
CA LEU B 133 2.32 11.16 10.87
C LEU B 133 2.12 12.64 10.58
N ARG B 134 0.88 13.10 10.69
CA ARG B 134 0.53 14.48 10.36
C ARG B 134 1.17 15.44 11.35
N HIS B 135 1.16 16.74 11.05
CA HIS B 135 1.73 17.75 11.94
C HIS B 135 1.17 17.67 13.37
N ASN B 136 -0.12 17.36 13.48
CA ASN B 136 -0.75 17.23 14.78
C ASN B 136 -0.64 15.82 15.33
N SER B 137 0.30 15.06 14.78
CA SER B 137 0.63 13.72 15.23
C SER B 137 -0.58 12.78 15.30
N THR B 138 -1.45 12.86 14.30
CA THR B 138 -2.41 11.79 14.02
C THR B 138 -2.02 11.16 12.69
N ILE B 139 -2.67 10.04 12.34
CA ILE B 139 -2.52 9.48 11.00
C ILE B 139 -3.88 9.35 10.28
N LYS B 140 -3.84 9.44 8.96
CA LYS B 140 -5.03 9.22 8.12
C LYS B 140 -4.96 7.84 7.51
N GLY B 141 -5.52 6.86 8.20
CA GLY B 141 -5.48 5.50 7.68
C GLY B 141 -6.84 4.90 7.37
N SER B 142 -6.91 3.58 7.48
CA SER B 142 -8.15 2.85 7.25
C SER B 142 -8.27 1.72 8.28
N PHE B 143 -9.01 2.00 9.35
CA PHE B 143 -9.13 1.09 10.50
C PHE B 143 -10.60 0.87 10.88
N LEU B 144 -10.96 -0.39 11.10
CA LEU B 144 -12.30 -0.74 11.56
C LEU B 144 -12.24 -1.27 12.99
N CYS B 145 -13.37 -1.25 13.67
CA CYS B 145 -13.48 -1.46 15.12
C CYS B 145 -12.52 -2.47 15.80
N GLY B 146 -12.36 -3.67 15.25
CA GLY B 146 -11.47 -4.65 15.85
C GLY B 146 -9.99 -4.55 15.48
N SER B 147 -9.56 -3.39 14.99
CA SER B 147 -8.21 -3.25 14.44
C SER B 147 -7.18 -2.85 15.47
N CYS B 148 -7.64 -2.49 16.68
CA CYS B 148 -6.72 -1.98 17.70
C CYS B 148 -5.58 -2.96 17.92
N GLY B 149 -4.39 -2.45 18.19
CA GLY B 149 -3.23 -3.30 18.34
C GLY B 149 -2.51 -3.55 17.03
N SER B 150 -3.10 -3.08 15.93
CA SER B 150 -2.42 -3.10 14.63
C SER B 150 -1.06 -2.36 14.68
N VAL B 151 -0.14 -2.81 13.84
CA VAL B 151 1.24 -2.46 14.01
C VAL B 151 1.83 -1.64 12.86
N GLY B 152 2.42 -0.51 13.20
CA GLY B 152 3.19 0.30 12.25
C GLY B 152 4.70 0.09 12.38
N TYR B 153 5.37 0.04 11.23
CA TYR B 153 6.78 -0.31 11.12
C TYR B 153 7.44 0.27 9.87
N THR B 154 8.78 0.31 9.91
CA THR B 154 9.62 0.52 8.74
C THR B 154 10.68 -0.56 8.76
N GLU B 155 11.36 -0.74 7.62
CA GLU B 155 12.40 -1.74 7.51
C GLU B 155 13.64 -1.09 6.94
N ASN B 156 14.79 -1.52 7.46
CA ASN B 156 16.09 -1.08 6.97
C ASN B 156 17.16 -2.13 7.26
N GLY B 157 17.82 -2.58 6.20
CA GLY B 157 18.90 -3.54 6.34
C GLY B 157 18.53 -4.88 6.95
N GLY B 158 17.25 -5.24 6.88
CA GLY B 158 16.81 -6.49 7.47
C GLY B 158 16.32 -6.31 8.89
N VAL B 159 16.43 -5.07 9.39
CA VAL B 159 15.88 -4.74 10.69
C VAL B 159 14.51 -4.05 10.65
N ILE B 160 13.55 -4.68 11.29
CA ILE B 160 12.23 -4.13 11.46
C ILE B 160 12.23 -3.06 12.54
N ASN B 161 11.85 -1.86 12.18
CA ASN B 161 11.70 -0.81 13.16
C ASN B 161 10.21 -0.63 13.53
N PHE B 162 9.83 -1.11 14.71
CA PHE B 162 8.44 -1.00 15.17
C PHE B 162 8.16 0.37 15.79
N VAL B 163 7.27 1.14 15.17
CA VAL B 163 7.13 2.53 15.54
C VAL B 163 5.77 2.89 16.08
N TYR B 164 4.81 1.95 15.96
CA TYR B 164 3.40 2.29 16.16
C TYR B 164 2.52 1.09 16.51
N MET B 165 1.74 1.25 17.58
CA MET B 165 0.66 0.32 17.90
C MET B 165 -0.64 1.08 17.90
N HIS B 166 -1.59 0.62 17.10
CA HIS B 166 -2.86 1.35 16.95
C HIS B 166 -3.71 1.29 18.21
N GLN B 167 -4.26 2.44 18.58
CA GLN B 167 -5.01 2.58 19.82
C GLN B 167 -6.48 2.93 19.57
N MET B 168 -6.73 4.06 18.91
CA MET B 168 -8.11 4.51 18.70
C MET B 168 -8.33 5.33 17.42
N GLU B 169 -9.60 5.66 17.18
CA GLU B 169 -9.99 6.62 16.14
C GLU B 169 -10.50 7.87 16.81
N LEU B 170 -10.04 9.05 16.37
CA LEU B 170 -10.47 10.33 16.94
C LEU B 170 -11.67 10.91 16.22
N SER B 171 -11.43 11.58 15.10
CA SER B 171 -12.51 12.07 14.24
C SER B 171 -12.99 10.94 13.36
N ASN B 172 -13.02 11.19 12.06
CA ASN B 172 -13.26 10.15 11.06
C ASN B 172 -12.13 10.18 10.03
N GLY B 173 -11.59 9.01 9.72
CA GLY B 173 -10.36 8.92 8.94
C GLY B 173 -9.18 9.49 9.72
N THR B 174 -9.42 9.77 11.00
CA THR B 174 -8.39 10.31 11.87
C THR B 174 -8.14 9.32 13.00
N HIS B 175 -6.93 8.76 13.04
CA HIS B 175 -6.60 7.73 14.00
C HIS B 175 -5.31 8.06 14.77
N THR B 176 -5.08 7.39 15.89
CA THR B 176 -3.83 7.58 16.59
C THR B 176 -3.46 6.36 17.41
N GLY B 177 -2.27 6.41 18.01
CA GLY B 177 -1.70 5.24 18.66
C GLY B 177 -0.45 5.60 19.42
N SER B 178 0.31 4.58 19.79
CA SER B 178 1.45 4.81 20.62
C SER B 178 2.69 4.17 20.04
N SER B 179 3.84 4.67 20.46
CA SER B 179 5.10 3.96 20.27
C SER B 179 5.21 2.89 21.32
N PHE B 180 6.20 2.03 21.18
CA PHE B 180 6.30 0.85 22.01
C PHE B 180 6.94 1.15 23.37
N ASP B 181 7.16 2.43 23.66
CA ASP B 181 7.47 2.88 25.02
C ASP B 181 6.19 3.33 25.72
N GLY B 182 5.04 3.08 25.08
CA GLY B 182 3.76 3.36 25.70
C GLY B 182 3.34 4.81 25.68
N VAL B 183 4.06 5.65 24.94
CA VAL B 183 3.67 7.04 24.80
C VAL B 183 2.77 7.26 23.58
N MET B 184 1.68 7.99 23.75
CA MET B 184 0.76 8.24 22.65
C MET B 184 1.27 9.37 21.77
N TYR B 185 1.25 9.16 20.45
CA TYR B 185 1.57 10.24 19.52
C TYR B 185 0.50 11.34 19.68
N GLY B 186 0.93 12.58 19.77
CA GLY B 186 0.02 13.71 19.92
C GLY B 186 -0.44 13.90 21.35
N ALA B 187 0.06 13.04 22.25
CA ALA B 187 -0.28 13.09 23.66
C ALA B 187 -1.79 13.03 23.88
N PHE B 188 -2.44 12.08 23.20
CA PHE B 188 -3.85 11.81 23.42
C PHE B 188 -3.98 10.73 24.49
N GLU B 189 -5.21 10.32 24.81
CA GLU B 189 -5.39 9.38 25.92
C GLU B 189 -6.49 8.34 25.70
N ASP B 190 -6.32 7.18 26.34
CA ASP B 190 -7.33 6.11 26.40
C ASP B 190 -8.70 6.59 26.89
N LYS B 191 -9.38 7.45 26.12
CA LYS B 191 -10.62 8.07 26.58
C LYS B 191 -11.60 8.38 25.45
N GLN B 192 -12.89 8.20 25.73
CA GLN B 192 -13.93 8.57 24.78
C GLN B 192 -14.31 10.05 24.94
N THR B 193 -13.39 10.93 24.59
CA THR B 193 -13.65 12.37 24.63
C THR B 193 -13.11 13.05 23.37
N HIS B 194 -13.84 14.05 22.88
CA HIS B 194 -13.39 14.82 21.72
C HIS B 194 -12.24 15.75 22.09
N GLN B 195 -11.06 15.16 22.30
CA GLN B 195 -9.85 15.90 22.63
C GLN B 195 -9.56 16.89 21.50
N LEU B 196 -8.87 17.99 21.82
CA LEU B 196 -8.82 19.15 20.94
C LEU B 196 -8.27 18.82 19.55
N GLN B 197 -7.12 18.16 19.51
CA GLN B 197 -6.40 17.85 18.26
C GLN B 197 -5.93 19.14 17.57
N LEU B 198 -4.61 19.31 17.55
CA LEU B 198 -3.96 20.53 17.03
C LEU B 198 -4.27 20.80 15.55
N THR B 199 -3.66 21.87 15.01
CA THR B 199 -4.19 22.51 13.80
C THR B 199 -3.81 21.94 12.42
N ASP B 200 -2.77 21.10 12.35
CA ASP B 200 -2.33 20.41 11.10
C ASP B 200 -1.85 21.35 9.98
N LYS B 201 -0.76 20.96 9.33
CA LYS B 201 -0.11 21.80 8.32
C LYS B 201 0.43 20.94 7.17
N TYR B 202 0.78 21.57 6.05
CA TYR B 202 1.42 20.87 4.96
C TYR B 202 2.89 20.67 5.29
N CYS B 203 3.40 19.46 5.06
CA CYS B 203 4.82 19.20 5.35
C CYS B 203 5.69 19.60 4.17
N THR B 204 6.39 20.71 4.33
CA THR B 204 7.14 21.37 3.27
C THR B 204 8.21 20.51 2.60
N ILE B 205 9.08 19.90 3.41
CA ILE B 205 10.15 19.10 2.86
C ILE B 205 9.58 17.94 2.05
N ASN B 206 8.40 17.45 2.44
CA ASN B 206 7.74 16.38 1.70
C ASN B 206 7.16 16.87 0.37
N VAL B 207 6.56 18.06 0.37
CA VAL B 207 6.10 18.66 -0.87
C VAL B 207 7.26 18.87 -1.82
N VAL B 208 8.41 19.26 -1.28
CA VAL B 208 9.59 19.48 -2.10
C VAL B 208 10.03 18.17 -2.74
N ALA B 209 10.12 17.11 -1.94
CA ALA B 209 10.46 15.80 -2.45
C ALA B 209 9.49 15.38 -3.56
N TRP B 210 8.20 15.61 -3.35
CA TRP B 210 7.18 15.31 -4.35
C TRP B 210 7.41 16.08 -5.67
N LEU B 211 7.72 17.36 -5.57
CA LEU B 211 8.00 18.15 -6.77
C LEU B 211 9.23 17.60 -7.49
N TYR B 212 10.25 17.19 -6.72
CA TYR B 212 11.43 16.55 -7.31
C TYR B 212 11.08 15.26 -8.04
N ALA B 213 10.20 14.44 -7.45
CA ALA B 213 9.70 13.22 -8.09
C ALA B 213 8.99 13.56 -9.40
N ALA B 214 8.21 14.64 -9.37
CA ALA B 214 7.49 15.07 -10.57
C ALA B 214 8.46 15.37 -11.72
N VAL B 215 9.45 16.21 -11.46
CA VAL B 215 10.50 16.50 -12.45
C VAL B 215 11.13 15.22 -12.95
N LEU B 216 11.49 14.32 -12.04
CA LEU B 216 12.14 13.07 -12.45
C LEU B 216 11.21 12.13 -13.23
N ASN B 217 9.92 12.41 -13.25
CA ASN B 217 8.97 11.63 -14.04
C ASN B 217 8.42 12.42 -15.26
N GLY B 218 9.15 13.44 -15.69
CA GLY B 218 8.80 14.13 -16.93
C GLY B 218 7.87 15.31 -16.76
N CYS B 219 7.55 15.65 -15.53
CA CYS B 219 6.63 16.75 -15.25
C CYS B 219 7.39 17.89 -14.60
N LYS B 220 7.63 18.96 -15.36
CA LYS B 220 8.49 20.04 -14.87
C LYS B 220 8.02 21.46 -15.23
N TRP B 221 6.74 21.61 -15.58
CA TRP B 221 6.22 22.92 -16.00
C TRP B 221 6.26 23.95 -14.89
N PHE B 222 6.25 23.49 -13.65
CA PHE B 222 6.16 24.37 -12.50
C PHE B 222 7.52 24.93 -12.11
N VAL B 223 8.56 24.48 -12.79
CA VAL B 223 9.91 24.94 -12.47
C VAL B 223 10.23 26.26 -13.20
N LYS B 224 10.56 27.30 -12.43
CA LYS B 224 10.99 28.59 -13.01
C LYS B 224 12.43 28.90 -12.57
N PRO B 225 13.03 29.95 -13.15
CA PRO B 225 14.30 30.40 -12.57
C PRO B 225 14.08 31.03 -11.19
N THR B 226 12.83 31.43 -10.92
CA THR B 226 12.45 32.11 -9.68
C THR B 226 12.90 31.36 -8.43
N ARG B 227 13.68 32.02 -7.58
CA ARG B 227 14.11 31.45 -6.31
C ARG B 227 13.43 32.19 -5.16
N VAL B 228 13.36 31.53 -4.02
CA VAL B 228 12.96 32.15 -2.75
C VAL B 228 13.88 31.60 -1.68
N GLY B 229 14.48 32.49 -0.89
CA GLY B 229 15.38 32.07 0.16
C GLY B 229 14.65 31.27 1.22
N ILE B 230 15.39 30.40 1.90
CA ILE B 230 14.82 29.54 2.92
C ILE B 230 14.19 30.36 4.06
N VAL B 231 14.91 31.39 4.50
CA VAL B 231 14.46 32.21 5.63
C VAL B 231 13.18 32.95 5.27
N THR B 232 13.20 33.55 4.08
CA THR B 232 12.02 34.24 3.56
C THR B 232 10.84 33.28 3.45
N TYR B 233 11.11 32.04 3.07
CA TYR B 233 10.04 31.06 2.92
C TYR B 233 9.41 30.66 4.27
N ASN B 234 10.23 30.45 5.29
CA ASN B 234 9.72 30.03 6.58
C ASN B 234 8.75 31.06 7.17
N GLU B 235 9.13 32.33 7.04
CA GLU B 235 8.26 33.46 7.39
C GLU B 235 6.89 33.31 6.75
N TRP B 236 6.91 33.19 5.42
CA TRP B 236 5.70 33.03 4.64
C TRP B 236 4.92 31.79 5.06
N ALA B 237 5.65 30.75 5.47
CA ALA B 237 5.06 29.45 5.81
C ALA B 237 4.20 29.49 7.06
N LEU B 238 4.55 30.35 8.01
CA LEU B 238 3.80 30.46 9.25
C LEU B 238 2.44 31.10 8.99
N SER B 239 2.43 32.07 8.08
CA SER B 239 1.19 32.76 7.71
C SER B 239 0.37 31.94 6.73
N ASN B 240 0.82 30.74 6.38
CA ASN B 240 0.18 30.00 5.30
C ASN B 240 0.04 28.48 5.48
N GLN B 241 -0.03 28.03 6.73
CA GLN B 241 -0.28 26.61 7.05
C GLN B 241 0.77 25.63 6.55
N PHE B 242 2.02 26.07 6.45
CA PHE B 242 3.09 25.17 6.02
C PHE B 242 4.12 24.97 7.11
N THR B 243 4.80 23.84 7.06
CA THR B 243 5.88 23.57 8.01
C THR B 243 7.14 24.29 7.58
N GLU B 244 8.04 24.49 8.52
CA GLU B 244 9.30 25.19 8.26
C GLU B 244 10.20 24.24 7.49
N PHE B 245 11.06 24.78 6.63
CA PHE B 245 11.96 23.94 5.84
C PHE B 245 13.32 23.88 6.49
N VAL B 246 13.89 22.68 6.49
CA VAL B 246 15.20 22.41 7.06
C VAL B 246 15.94 21.46 6.15
N GLY B 247 16.94 21.96 5.43
CA GLY B 247 17.67 21.14 4.47
C GLY B 247 18.26 19.85 5.01
N THR B 248 18.22 18.80 4.18
CA THR B 248 18.82 17.52 4.51
C THR B 248 19.55 16.94 3.32
N GLN B 249 20.31 15.87 3.56
CA GLN B 249 21.08 15.23 2.51
C GLN B 249 20.20 14.57 1.44
N SER B 250 19.12 13.94 1.87
CA SER B 250 18.24 13.26 0.93
C SER B 250 17.73 14.24 -0.12
N ILE B 251 17.40 15.45 0.32
CA ILE B 251 16.91 16.50 -0.57
C ILE B 251 18.02 16.94 -1.53
N ASP B 252 19.21 17.20 -0.99
CA ASP B 252 20.33 17.65 -1.80
C ASP B 252 20.63 16.67 -2.92
N MET B 253 20.56 15.37 -2.59
CA MET B 253 20.66 14.32 -3.59
C MET B 253 19.69 14.57 -4.75
N LEU B 254 18.46 15.00 -4.42
CA LEU B 254 17.45 15.25 -5.46
C LEU B 254 17.71 16.56 -6.16
N ALA B 255 18.13 17.58 -5.41
CA ALA B 255 18.46 18.86 -6.02
C ALA B 255 19.56 18.66 -7.06
N HIS B 256 20.63 18.01 -6.62
CA HIS B 256 21.75 17.63 -7.48
C HIS B 256 21.31 16.87 -8.75
N ARG B 257 20.62 15.75 -8.57
CA ARG B 257 20.27 14.90 -9.70
C ARG B 257 19.46 15.67 -10.76
N THR B 258 18.54 16.54 -10.34
CA THR B 258 17.65 17.26 -11.27
C THR B 258 18.25 18.60 -11.71
N GLY B 259 19.26 19.06 -10.98
CA GLY B 259 19.84 20.36 -11.24
C GLY B 259 18.87 21.50 -10.92
N VAL B 260 17.81 21.17 -10.19
CA VAL B 260 16.88 22.19 -9.74
C VAL B 260 17.11 22.44 -8.26
N SER B 261 17.26 23.70 -7.89
CA SER B 261 17.61 24.04 -6.51
C SER B 261 16.39 24.06 -5.60
N VAL B 262 16.67 23.81 -4.32
CA VAL B 262 15.66 23.86 -3.28
C VAL B 262 14.89 25.19 -3.30
N GLU B 263 15.59 26.28 -3.58
CA GLU B 263 14.96 27.61 -3.59
C GLU B 263 13.96 27.75 -4.73
N GLN B 264 14.22 27.07 -5.83
CA GLN B 264 13.25 27.03 -6.93
C GLN B 264 11.98 26.29 -6.48
N MET B 265 12.15 25.14 -5.85
CA MET B 265 11.01 24.36 -5.36
C MET B 265 10.19 25.13 -4.33
N LEU B 266 10.88 25.84 -3.44
CA LEU B 266 10.20 26.68 -2.45
C LEU B 266 9.37 27.75 -3.15
N ALA B 267 9.98 28.43 -4.11
CA ALA B 267 9.28 29.44 -4.89
C ALA B 267 8.07 28.81 -5.58
N ALA B 268 8.25 27.61 -6.11
CA ALA B 268 7.17 26.91 -6.82
C ALA B 268 6.04 26.58 -5.87
N ILE B 269 6.38 26.31 -4.62
CA ILE B 269 5.36 26.00 -3.61
C ILE B 269 4.44 27.19 -3.40
N GLN B 270 5.03 28.38 -3.25
CA GLN B 270 4.22 29.60 -3.09
C GLN B 270 3.26 29.79 -4.27
N SER B 271 3.75 29.61 -5.49
CA SER B 271 2.91 29.73 -6.68
C SER B 271 1.77 28.73 -6.73
N LEU B 272 2.05 27.49 -6.34
CA LEU B 272 1.08 26.42 -6.47
C LEU B 272 0.08 26.34 -5.30
N HIS B 273 0.45 26.92 -4.15
CA HIS B 273 -0.43 27.01 -2.99
C HIS B 273 -1.71 27.75 -3.37
N ALA B 274 -1.50 28.90 -4.01
CA ALA B 274 -2.58 29.73 -4.53
C ALA B 274 -3.53 28.93 -5.42
N GLY B 275 -3.01 27.92 -6.11
CA GLY B 275 -3.84 27.06 -6.94
C GLY B 275 -3.20 26.67 -8.26
N PHE B 276 -3.61 25.51 -8.77
CA PHE B 276 -2.96 24.90 -9.95
C PHE B 276 -3.51 25.43 -11.27
N GLN B 277 -4.68 26.06 -11.24
CA GLN B 277 -5.20 26.80 -12.40
C GLN B 277 -5.29 25.93 -13.65
N GLY B 278 -6.04 24.84 -13.55
CA GLY B 278 -6.27 23.95 -14.67
C GLY B 278 -5.22 22.87 -14.87
N LYS B 279 -4.03 23.08 -14.31
CA LYS B 279 -2.91 22.17 -14.58
C LYS B 279 -2.72 21.12 -13.48
N THR B 280 -2.23 19.95 -13.87
CA THR B 280 -1.96 18.91 -12.88
C THR B 280 -0.47 18.60 -12.72
N ILE B 281 -0.14 18.01 -11.56
CA ILE B 281 1.18 17.44 -11.30
C ILE B 281 1.05 16.00 -10.83
N LEU B 282 1.65 15.07 -11.58
CA LEU B 282 1.56 13.63 -11.30
C LEU B 282 0.10 13.24 -10.99
N GLY B 283 -0.80 13.63 -11.89
CA GLY B 283 -2.23 13.30 -11.78
C GLY B 283 -3.01 14.03 -10.70
N GLN B 284 -2.37 14.97 -10.01
CA GLN B 284 -3.03 15.67 -8.92
C GLN B 284 -3.16 17.17 -9.14
N SER B 285 -4.12 17.78 -8.45
CA SER B 285 -4.39 19.21 -8.59
C SER B 285 -4.06 19.94 -7.30
N THR B 286 -3.55 19.18 -6.34
CA THR B 286 -3.22 19.72 -5.03
C THR B 286 -1.82 19.23 -4.60
N LEU B 287 -1.20 19.96 -3.68
CA LEU B 287 0.17 19.69 -3.25
C LEU B 287 0.26 18.47 -2.32
N GLU B 288 0.72 17.35 -2.86
CA GLU B 288 0.85 16.11 -2.11
C GLU B 288 2.03 16.17 -1.10
N ASP B 289 1.76 15.93 0.18
CA ASP B 289 2.81 16.09 1.19
C ASP B 289 3.11 14.83 2.04
N GLU B 290 2.78 13.64 1.52
CA GLU B 290 2.99 12.42 2.29
C GLU B 290 4.09 11.50 1.76
N PHE B 291 4.79 11.92 0.72
CA PHE B 291 5.99 11.23 0.31
C PHE B 291 7.14 12.00 0.94
N THR B 292 8.07 11.28 1.59
CA THR B 292 9.26 11.90 2.17
C THR B 292 10.40 11.88 1.17
N PRO B 293 11.44 12.68 1.42
CA PRO B 293 12.65 12.61 0.58
C PRO B 293 13.17 11.17 0.42
N ASP B 294 13.18 10.39 1.50
CA ASP B 294 13.65 9.00 1.42
C ASP B 294 12.80 8.13 0.51
N ASP B 295 11.47 8.23 0.69
CA ASP B 295 10.51 7.55 -0.20
C ASP B 295 10.88 7.79 -1.66
N VAL B 296 11.06 9.05 -2.01
CA VAL B 296 11.28 9.43 -3.40
C VAL B 296 12.63 8.91 -3.90
N ASN B 297 13.67 9.11 -3.09
CA ASN B 297 14.97 8.51 -3.34
C ASN B 297 14.86 7.02 -3.58
N MET B 298 14.12 6.33 -2.72
CA MET B 298 13.88 4.90 -2.89
C MET B 298 13.21 4.56 -4.22
N GLN B 299 12.16 5.28 -4.59
CA GLN B 299 11.43 4.88 -5.79
C GLN B 299 12.06 5.34 -7.10
N VAL B 300 12.77 6.47 -7.08
CA VAL B 300 13.41 6.97 -8.29
C VAL B 300 14.89 6.62 -8.34
N MET B 301 15.50 6.44 -7.17
CA MET B 301 16.94 6.13 -7.03
C MET B 301 17.81 7.20 -7.70
#